data_3QDY
#
_entry.id   3QDY
#
_cell.length_a   124.045
_cell.length_b   124.045
_cell.length_c   104.473
_cell.angle_alpha   90.00
_cell.angle_beta   90.00
_cell.angle_gamma   120.00
#
_symmetry.space_group_name_H-M   'P 61 2 2'
#
loop_
_entity.id
_entity.type
_entity.pdbx_description
1 polymer 'BOLETUS EDULIS LECTIN'
2 branched beta-D-galactopyranose-(1-3)-2-acetamido-2-deoxy-alpha-D-galactopyranose
3 branched 2-acetamido-2-deoxy-beta-D-glucopyranose-(1-4)-2-acetamido-2-deoxy-beta-D-glucopyranose
4 water water
#
_entity_poly.entity_id   1
_entity_poly.type   'polypeptide(L)'
_entity_poly.pdbx_seq_one_letter_code
;(ACE)TYSITLRVFQRNPGRGFFSIVEKTVFHYANGGTWSEAKGTHTLTMGGSGTSGVLRFMSDKGELITVAVGVHNYKR
WCDVVTGLKPEETALVINPQYYNNGPRAYTREKQLAEYNVTSVVGTRFEVKYTVVEGNNLEANVIFS
;
_entity_poly.pdbx_strand_id   A,B
#
loop_
_chem_comp.id
_chem_comp.type
_chem_comp.name
_chem_comp.formula
A2G D-saccharide, alpha linking 2-acetamido-2-deoxy-alpha-D-galactopyranose 'C8 H15 N O6'
ACE non-polymer 'ACETYL GROUP' 'C2 H4 O'
GAL D-saccharide, beta linking beta-D-galactopyranose 'C6 H12 O6'
NAG D-saccharide, beta linking 2-acetamido-2-deoxy-beta-D-glucopyranose 'C8 H15 N O6'
#
# COMPACT_ATOMS: atom_id res chain seq x y z
C ACE A 1 13.95 16.36 10.52
O ACE A 1 14.48 15.58 11.30
CH3 ACE A 1 14.67 17.64 10.09
N THR A 2 12.81 16.09 9.89
CA THR A 2 12.24 14.76 9.83
C THR A 2 13.08 13.81 8.96
N TYR A 3 13.04 12.53 9.27
CA TYR A 3 13.75 11.51 8.51
C TYR A 3 12.80 10.40 8.06
N SER A 4 13.07 9.84 6.88
CA SER A 4 12.30 8.71 6.41
C SER A 4 13.23 7.66 5.80
N ILE A 5 12.87 6.39 5.99
CA ILE A 5 13.60 5.27 5.43
C ILE A 5 12.66 4.38 4.63
N THR A 6 12.90 4.26 3.33
CA THR A 6 12.02 3.48 2.45
C THR A 6 12.65 2.14 2.09
N LEU A 7 11.93 1.07 2.36
CA LEU A 7 12.47 -0.29 2.19
C LEU A 7 11.78 -1.05 1.06
N ARG A 8 12.59 -1.67 0.19
CA ARG A 8 12.09 -2.58 -0.83
C ARG A 8 12.50 -4.00 -0.47
N VAL A 9 11.53 -4.91 -0.44
CA VAL A 9 11.78 -6.29 0.01
C VAL A 9 11.94 -7.26 -1.16
N PHE A 10 13.12 -7.87 -1.26
CA PHE A 10 13.41 -8.86 -2.29
C PHE A 10 13.56 -10.23 -1.66
N GLN A 11 12.75 -11.19 -2.11
CA GLN A 11 12.88 -12.57 -1.66
C GLN A 11 13.41 -13.42 -2.81
N ARG A 12 14.57 -14.02 -2.62
CA ARG A 12 15.33 -14.63 -3.72
C ARG A 12 15.13 -16.12 -3.91
N ASN A 13 14.89 -16.85 -2.83
CA ASN A 13 14.96 -18.31 -2.88
C ASN A 13 13.73 -19.00 -2.27
N PRO A 14 12.84 -19.50 -3.13
CA PRO A 14 11.64 -20.21 -2.69
C PRO A 14 11.96 -21.38 -1.75
N GLY A 15 13.18 -21.92 -1.84
CA GLY A 15 13.58 -23.01 -0.95
C GLY A 15 13.55 -22.59 0.51
N ARG A 16 13.74 -21.30 0.76
CA ARG A 16 13.79 -20.78 2.12
C ARG A 16 12.40 -20.43 2.66
N GLY A 17 11.37 -20.74 1.88
CA GLY A 17 10.01 -20.38 2.25
C GLY A 17 9.70 -18.96 1.81
N PHE A 18 8.50 -18.49 2.14
CA PHE A 18 8.06 -17.16 1.76
C PHE A 18 7.69 -16.33 2.99
N PHE A 19 8.29 -15.14 3.12
CA PHE A 19 8.12 -14.32 4.31
C PHE A 19 7.07 -13.24 4.12
N SER A 20 6.34 -12.92 5.19
CA SER A 20 5.46 -11.76 5.20
C SER A 20 5.58 -11.04 6.54
N ILE A 21 5.20 -9.77 6.55
CA ILE A 21 5.32 -8.96 7.76
C ILE A 21 4.25 -9.34 8.79
N VAL A 22 4.65 -9.51 10.05
CA VAL A 22 3.71 -9.88 11.10
C VAL A 22 3.66 -8.87 12.23
N GLU A 23 4.51 -7.84 12.13
CA GLU A 23 4.58 -6.83 13.18
C GLU A 23 5.39 -5.64 12.71
N LYS A 24 5.03 -4.45 13.17
CA LYS A 24 5.75 -3.22 12.82
C LYS A 24 5.72 -2.28 14.02
N THR A 25 6.89 -1.94 14.54
CA THR A 25 6.98 -1.10 15.73
C THR A 25 7.78 0.17 15.46
N VAL A 26 7.52 1.20 16.27
CA VAL A 26 8.27 2.44 16.20
C VAL A 26 8.70 2.86 17.60
N PHE A 27 9.97 3.21 17.77
CA PHE A 27 10.46 3.61 19.09
C PHE A 27 10.06 5.05 19.38
N HIS A 28 9.96 5.39 20.66
CA HIS A 28 9.31 6.62 21.09
C HIS A 28 10.21 7.86 21.11
N TYR A 29 11.50 7.69 20.84
CA TYR A 29 12.42 8.82 20.78
C TYR A 29 12.13 9.70 19.57
N ALA A 30 12.75 10.88 19.56
CA ALA A 30 12.69 11.78 18.40
C ALA A 30 11.28 12.07 17.91
N ASN A 31 10.32 12.06 18.83
CA ASN A 31 8.94 12.38 18.51
C ASN A 31 8.25 11.25 17.76
N GLY A 32 8.72 10.02 17.98
CA GLY A 32 8.10 8.85 17.37
C GLY A 32 8.23 8.79 15.87
N GLY A 33 7.25 8.15 15.23
CA GLY A 33 7.28 7.96 13.77
C GLY A 33 6.17 7.02 13.34
N THR A 34 6.11 6.75 12.04
CA THR A 34 5.02 5.97 11.48
C THR A 34 5.45 5.15 10.27
N TRP A 35 4.95 3.92 10.18
CA TRP A 35 5.11 3.10 8.99
C TRP A 35 3.99 3.37 8.00
N SER A 36 4.32 3.35 6.72
CA SER A 36 3.31 3.45 5.67
C SER A 36 3.74 2.60 4.48
N GLU A 37 2.76 2.15 3.71
CA GLU A 37 3.04 1.35 2.52
C GLU A 37 2.66 2.10 1.27
N ALA A 38 3.51 2.04 0.26
CA ALA A 38 3.21 2.63 -1.05
C ALA A 38 3.90 1.80 -2.12
N LYS A 39 3.14 1.41 -3.14
CA LYS A 39 3.69 0.68 -4.27
C LYS A 39 4.57 -0.50 -3.86
N GLY A 40 4.13 -1.26 -2.86
CA GLY A 40 4.83 -2.46 -2.46
C GLY A 40 5.99 -2.21 -1.52
N THR A 41 6.33 -0.94 -1.32
CA THR A 41 7.43 -0.57 -0.44
C THR A 41 6.93 -0.21 0.96
N HIS A 42 7.85 -0.13 1.91
CA HIS A 42 7.52 0.23 3.29
C HIS A 42 8.39 1.39 3.75
N THR A 43 7.76 2.46 4.20
CA THR A 43 8.50 3.65 4.61
C THR A 43 8.32 3.94 6.08
N LEU A 44 9.44 4.11 6.79
CA LEU A 44 9.41 4.56 8.17
C LEU A 44 9.72 6.05 8.22
N THR A 45 8.74 6.85 8.65
CA THR A 45 8.91 8.28 8.79
C THR A 45 9.07 8.65 10.26
N MET A 46 10.12 9.39 10.57
CA MET A 46 10.48 9.69 11.95
C MET A 46 10.58 11.19 12.18
N GLY A 47 10.22 11.63 13.38
CA GLY A 47 10.17 13.06 13.70
C GLY A 47 11.51 13.76 13.76
N GLY A 48 12.58 12.98 13.71
CA GLY A 48 13.93 13.54 13.76
C GLY A 48 14.96 12.45 13.92
N SER A 49 16.23 12.83 14.06
CA SER A 49 17.28 11.85 14.30
C SER A 49 17.21 11.32 15.73
N GLY A 50 17.44 10.01 15.90
CA GLY A 50 17.53 9.43 17.23
C GLY A 50 16.49 8.39 17.56
N THR A 51 15.71 7.96 16.57
CA THR A 51 14.77 6.88 16.81
C THR A 51 14.86 5.82 15.71
N SER A 52 13.96 4.84 15.75
CA SER A 52 14.01 3.72 14.83
C SER A 52 12.68 2.96 14.79
N GLY A 53 12.65 1.90 13.98
CA GLY A 53 11.49 1.05 13.89
C GLY A 53 11.89 -0.35 13.50
N VAL A 54 11.03 -1.32 13.75
CA VAL A 54 11.35 -2.71 13.46
C VAL A 54 10.22 -3.41 12.70
N LEU A 55 10.59 -4.14 11.66
CA LEU A 55 9.66 -5.03 10.97
C LEU A 55 9.99 -6.47 11.33
N ARG A 56 9.00 -7.22 11.81
CA ARG A 56 9.20 -8.65 12.02
C ARG A 56 8.54 -9.43 10.89
N PHE A 57 9.26 -10.42 10.37
CA PHE A 57 8.76 -11.26 9.29
C PHE A 57 8.61 -12.69 9.78
N MET A 58 7.66 -13.41 9.19
CA MET A 58 7.52 -14.84 9.43
C MET A 58 7.38 -15.53 8.09
N SER A 59 8.10 -16.63 7.92
CA SER A 59 7.99 -17.40 6.69
C SER A 59 6.92 -18.46 6.83
N ASP A 60 6.38 -18.93 5.71
CA ASP A 60 5.38 -19.99 5.75
C ASP A 60 6.00 -21.32 6.17
N LYS A 61 7.26 -21.28 6.58
CA LYS A 61 7.91 -22.45 7.18
C LYS A 61 8.11 -22.24 8.69
N GLY A 62 7.66 -21.10 9.20
CA GLY A 62 7.68 -20.83 10.63
C GLY A 62 8.85 -19.99 11.14
N GLU A 63 9.81 -19.70 10.26
CA GLU A 63 10.97 -18.91 10.66
C GLU A 63 10.59 -17.46 11.00
N LEU A 64 11.20 -16.92 12.07
CA LEU A 64 10.89 -15.57 12.52
C LEU A 64 12.14 -14.70 12.59
N ILE A 65 12.08 -13.50 11.98
CA ILE A 65 13.22 -12.61 11.96
C ILE A 65 12.78 -11.14 12.00
N THR A 66 13.62 -10.28 12.58
CA THR A 66 13.33 -8.84 12.61
C THR A 66 14.33 -8.03 11.79
N VAL A 67 13.85 -6.93 11.22
CA VAL A 67 14.70 -5.96 10.53
C VAL A 67 14.54 -4.62 11.24
N ALA A 68 15.64 -4.08 11.73
CA ALA A 68 15.62 -2.78 12.40
C ALA A 68 16.33 -1.73 11.56
N VAL A 69 15.68 -0.59 11.40
CA VAL A 69 16.27 0.54 10.69
C VAL A 69 15.98 1.81 11.47
N GLY A 70 16.93 2.74 11.45
CA GLY A 70 16.75 4.03 12.12
C GLY A 70 17.81 5.04 11.75
N VAL A 71 17.84 6.14 12.48
CA VAL A 71 18.84 7.18 12.28
C VAL A 71 19.46 7.52 13.62
N HIS A 72 20.78 7.38 13.71
CA HIS A 72 21.50 7.65 14.95
C HIS A 72 22.54 8.76 14.74
N ASN A 73 22.31 9.89 15.39
CA ASN A 73 23.18 11.05 15.23
C ASN A 73 23.34 11.46 13.78
N TYR A 74 22.24 11.42 13.04
CA TYR A 74 22.18 11.94 11.67
C TYR A 74 22.74 10.98 10.61
N LYS A 75 23.07 9.76 11.04
CA LYS A 75 23.52 8.75 10.11
C LYS A 75 22.63 7.52 10.20
N ARG A 76 22.34 6.89 9.07
CA ARG A 76 21.46 5.73 9.06
C ARG A 76 22.09 4.53 9.74
N TRP A 77 21.25 3.67 10.32
CA TRP A 77 21.72 2.40 10.84
C TRP A 77 20.74 1.28 10.53
N CYS A 78 21.19 0.05 10.67
CA CYS A 78 20.33 -1.11 10.47
C CYS A 78 20.85 -2.31 11.23
N ASP A 79 19.99 -3.30 11.39
CA ASP A 79 20.36 -4.56 12.02
C ASP A 79 19.36 -5.62 11.64
N VAL A 80 19.78 -6.88 11.73
CA VAL A 80 18.91 -8.01 11.49
C VAL A 80 19.07 -9.03 12.61
N VAL A 81 17.95 -9.50 13.17
CA VAL A 81 17.98 -10.53 14.19
C VAL A 81 17.22 -11.74 13.72
N THR A 82 17.87 -12.90 13.69
CA THR A 82 17.24 -14.13 13.21
C THR A 82 17.13 -15.15 14.33
N GLY A 83 16.57 -16.31 14.01
CA GLY A 83 16.40 -17.39 14.98
C GLY A 83 15.63 -16.96 16.21
N LEU A 84 14.52 -16.26 16.00
CA LEU A 84 13.70 -15.76 17.10
C LEU A 84 12.70 -16.80 17.58
N LYS A 85 12.42 -16.80 18.88
CA LYS A 85 11.34 -17.59 19.44
C LYS A 85 10.03 -16.81 19.30
N PRO A 86 8.90 -17.52 19.28
CA PRO A 86 7.60 -16.89 19.15
C PRO A 86 7.39 -15.72 20.14
N GLU A 87 7.92 -15.84 21.35
CA GLU A 87 7.71 -14.81 22.36
C GLU A 87 8.60 -13.59 22.18
N GLU A 88 9.62 -13.69 21.33
CA GLU A 88 10.50 -12.54 21.06
C GLU A 88 9.92 -11.67 19.95
N THR A 89 8.89 -10.91 20.28
CA THR A 89 8.21 -10.08 19.31
C THR A 89 9.00 -8.80 19.03
N ALA A 90 8.64 -8.10 17.95
CA ALA A 90 9.29 -6.83 17.65
C ALA A 90 9.12 -5.88 18.82
N LEU A 91 8.03 -6.03 19.56
CA LEU A 91 7.77 -5.19 20.73
C LEU A 91 8.89 -5.38 21.77
N VAL A 92 9.36 -6.62 21.88
CA VAL A 92 10.50 -6.92 22.75
C VAL A 92 11.83 -6.44 22.15
N ILE A 93 12.01 -6.65 20.85
CA ILE A 93 13.28 -6.37 20.19
C ILE A 93 13.63 -4.88 20.07
N ASN A 94 12.69 -4.07 19.60
CA ASN A 94 12.97 -2.67 19.32
C ASN A 94 13.60 -1.88 20.48
N PRO A 95 13.05 -2.02 21.69
CA PRO A 95 13.60 -1.28 22.84
C PRO A 95 15.01 -1.73 23.22
N GLN A 96 15.40 -2.93 22.80
CA GLN A 96 16.71 -3.49 23.14
C GLN A 96 17.86 -2.76 22.45
N TYR A 97 17.55 -1.83 21.56
CA TYR A 97 18.58 -1.02 20.90
C TYR A 97 18.89 0.26 21.71
N TYR A 98 18.16 0.45 22.80
CA TYR A 98 18.31 1.67 23.58
C TYR A 98 18.49 1.38 25.08
N ASN A 99 18.74 2.42 25.85
CA ASN A 99 18.89 2.29 27.30
C ASN A 99 19.91 1.20 27.66
N ASN A 100 21.02 1.17 26.92
CA ASN A 100 22.08 0.21 27.16
C ASN A 100 21.60 -1.24 27.03
N GLY A 101 20.59 -1.44 26.19
CA GLY A 101 20.11 -2.78 25.89
C GLY A 101 21.13 -3.60 25.13
N PRO A 102 20.85 -4.89 24.94
CA PRO A 102 21.77 -5.85 24.34
C PRO A 102 21.99 -5.69 22.83
N ARG A 103 21.38 -4.66 22.23
CA ARG A 103 21.52 -4.46 20.78
C ARG A 103 21.96 -3.05 20.45
N ALA A 104 22.11 -2.21 21.46
CA ALA A 104 22.52 -0.82 21.27
C ALA A 104 23.84 -0.71 20.51
N TYR A 105 24.69 -1.72 20.64
CA TYR A 105 26.02 -1.67 20.03
C TYR A 105 25.95 -1.65 18.51
N THR A 106 24.96 -2.35 17.97
CA THR A 106 24.89 -2.48 16.53
C THR A 106 24.18 -1.24 15.94
N ARG A 107 23.35 -0.57 16.73
CA ARG A 107 22.85 0.75 16.35
C ARG A 107 23.96 1.80 16.29
N GLU A 108 24.89 1.73 17.24
CA GLU A 108 25.96 2.71 17.34
C GLU A 108 26.94 2.64 16.16
N LYS A 109 26.98 1.50 15.49
CA LYS A 109 27.82 1.32 14.32
C LYS A 109 27.38 2.18 13.13
N GLN A 110 26.11 2.58 13.11
CA GLN A 110 25.60 3.39 12.01
C GLN A 110 25.86 2.74 10.65
N LEU A 111 25.58 1.43 10.56
CA LEU A 111 25.85 0.67 9.34
C LEU A 111 24.98 1.04 8.14
N ALA A 112 25.63 1.16 6.97
CA ALA A 112 24.92 1.40 5.73
C ALA A 112 24.55 0.07 5.07
N GLU A 113 25.08 -1.02 5.62
CA GLU A 113 24.81 -2.36 5.11
C GLU A 113 25.09 -3.40 6.19
N TYR A 114 24.22 -4.40 6.30
CA TYR A 114 24.43 -5.50 7.23
C TYR A 114 23.83 -6.80 6.69
N ASN A 115 24.58 -7.89 6.82
CA ASN A 115 24.08 -9.20 6.43
C ASN A 115 24.41 -10.28 7.45
N VAL A 116 23.52 -11.26 7.57
CA VAL A 116 23.70 -12.37 8.49
C VAL A 116 22.96 -13.58 7.94
N THR A 117 23.37 -14.77 8.36
CA THR A 117 22.69 -16.00 7.97
C THR A 117 22.15 -16.71 9.20
N SER A 118 20.85 -17.02 9.20
CA SER A 118 20.23 -17.67 10.35
C SER A 118 20.76 -19.08 10.55
N VAL A 119 20.65 -19.57 11.79
CA VAL A 119 21.10 -20.91 12.11
C VAL A 119 20.45 -21.96 11.22
N VAL A 120 19.23 -21.67 10.77
CA VAL A 120 18.50 -22.62 9.91
C VAL A 120 18.88 -22.49 8.44
N GLY A 121 19.73 -21.50 8.13
CA GLY A 121 20.30 -21.39 6.79
C GLY A 121 19.74 -20.31 5.89
N THR A 122 18.94 -19.40 6.44
CA THR A 122 18.37 -18.32 5.62
C THR A 122 19.24 -17.07 5.68
N ARG A 123 19.63 -16.59 4.51
CA ARG A 123 20.46 -15.38 4.45
C ARG A 123 19.60 -14.11 4.45
N PHE A 124 20.07 -13.08 5.15
CA PHE A 124 19.36 -11.82 5.21
C PHE A 124 20.34 -10.66 5.04
N GLU A 125 19.93 -9.66 4.27
CA GLU A 125 20.76 -8.49 4.09
C GLU A 125 19.95 -7.21 4.02
N VAL A 126 20.41 -6.18 4.73
CA VAL A 126 19.89 -4.84 4.57
C VAL A 126 20.97 -3.97 3.93
N LYS A 127 20.67 -3.39 2.77
CA LYS A 127 21.63 -2.56 2.06
C LYS A 127 21.01 -1.23 1.63
N TYR A 128 21.50 -0.15 2.22
CA TYR A 128 21.04 1.18 1.85
C TYR A 128 21.53 1.57 0.46
N THR A 129 20.61 2.02 -0.38
CA THR A 129 20.93 2.46 -1.73
C THR A 129 21.08 3.97 -1.77
N VAL A 130 20.44 4.63 -0.80
CA VAL A 130 20.66 6.04 -0.55
C VAL A 130 21.08 6.17 0.91
N VAL A 131 22.34 6.57 1.12
CA VAL A 131 22.97 6.48 2.44
C VAL A 131 23.12 7.84 3.14
N GLU A 132 22.69 8.90 2.48
CA GLU A 132 22.84 10.24 3.03
C GLU A 132 21.55 11.03 2.88
N GLY A 133 21.39 12.07 3.69
CA GLY A 133 20.23 12.94 3.59
C GLY A 133 19.06 12.48 4.44
N ASN A 134 17.94 13.18 4.32
CA ASN A 134 16.76 12.88 5.13
C ASN A 134 15.83 11.87 4.48
N ASN A 135 16.03 11.60 3.19
CA ASN A 135 15.21 10.63 2.47
C ASN A 135 16.01 9.39 2.12
N LEU A 136 16.14 8.47 3.08
CA LEU A 136 16.98 7.29 2.93
C LEU A 136 16.26 6.13 2.24
N GLU A 137 17.02 5.33 1.50
CA GLU A 137 16.45 4.20 0.78
C GLU A 137 17.30 2.97 1.05
N ALA A 138 16.66 1.81 1.12
CA ALA A 138 17.40 0.57 1.32
C ALA A 138 16.65 -0.65 0.80
N ASN A 139 17.41 -1.65 0.37
CA ASN A 139 16.85 -2.93 -0.02
C ASN A 139 16.97 -3.93 1.12
N VAL A 140 15.93 -4.75 1.32
CA VAL A 140 15.96 -5.85 2.25
C VAL A 140 15.89 -7.15 1.45
N ILE A 141 16.90 -7.99 1.60
CA ILE A 141 17.01 -9.18 0.77
C ILE A 141 17.03 -10.48 1.58
N PHE A 142 16.07 -11.36 1.29
CA PHE A 142 16.00 -12.68 1.92
C PHE A 142 16.49 -13.72 0.91
N SER A 143 17.32 -14.66 1.35
CA SER A 143 17.88 -15.65 0.43
C SER A 143 18.28 -16.95 1.10
C ACE B 1 -0.59 14.54 -18.80
O ACE B 1 -1.77 14.39 -19.11
CH3 ACE B 1 0.17 15.80 -19.25
N THR B 2 -0.03 13.86 -17.81
CA THR B 2 -0.73 12.74 -17.20
C THR B 2 -1.79 13.22 -16.20
N TYR B 3 -2.68 12.30 -15.84
CA TYR B 3 -3.71 12.59 -14.85
C TYR B 3 -3.68 11.49 -13.80
N SER B 4 -4.06 11.83 -12.57
CA SER B 4 -4.20 10.82 -11.54
C SER B 4 -5.50 11.02 -10.77
N ILE B 5 -6.05 9.92 -10.27
CA ILE B 5 -7.23 9.96 -9.43
C ILE B 5 -6.99 9.12 -8.19
N THR B 6 -6.98 9.75 -7.03
CA THR B 6 -6.75 9.07 -5.77
C THR B 6 -8.06 8.85 -5.03
N LEU B 7 -8.34 7.59 -4.69
CA LEU B 7 -9.60 7.25 -4.06
C LEU B 7 -9.40 6.84 -2.61
N ARG B 8 -10.28 7.31 -1.74
CA ARG B 8 -10.31 6.87 -0.36
C ARG B 8 -11.64 6.17 -0.13
N VAL B 9 -11.59 4.95 0.39
CA VAL B 9 -12.80 4.14 0.54
C VAL B 9 -13.37 4.17 1.96
N PHE B 10 -14.60 4.65 2.08
CA PHE B 10 -15.30 4.68 3.37
C PHE B 10 -16.43 3.66 3.39
N GLN B 11 -16.44 2.81 4.42
CA GLN B 11 -17.52 1.84 4.59
C GLN B 11 -18.26 2.15 5.89
N ARG B 12 -19.55 2.49 5.76
CA ARG B 12 -20.30 3.10 6.85
C ARG B 12 -21.17 2.15 7.66
N ASN B 13 -21.59 1.04 7.06
CA ASN B 13 -22.61 0.20 7.70
C ASN B 13 -22.27 -1.28 7.67
N PRO B 14 -21.74 -1.80 8.78
CA PRO B 14 -21.38 -3.21 8.91
C PRO B 14 -22.49 -4.17 8.51
N GLY B 15 -23.74 -3.73 8.65
CA GLY B 15 -24.89 -4.56 8.28
C GLY B 15 -24.94 -4.92 6.80
N ARG B 16 -24.30 -4.12 5.97
CA ARG B 16 -24.23 -4.37 4.53
C ARG B 16 -23.07 -5.32 4.17
N GLY B 17 -22.30 -5.70 5.19
CA GLY B 17 -21.11 -6.52 4.98
C GLY B 17 -19.88 -5.67 4.74
N PHE B 18 -18.73 -6.33 4.67
CA PHE B 18 -17.44 -5.65 4.44
C PHE B 18 -16.97 -5.89 3.01
N PHE B 19 -16.68 -4.81 2.28
CA PHE B 19 -16.27 -4.91 0.89
C PHE B 19 -14.75 -4.88 0.76
N SER B 20 -14.23 -5.68 -0.15
CA SER B 20 -12.82 -5.61 -0.51
C SER B 20 -12.68 -5.64 -2.03
N ILE B 21 -11.55 -5.15 -2.53
CA ILE B 21 -11.30 -5.10 -3.96
C ILE B 21 -10.94 -6.50 -4.47
N VAL B 22 -11.53 -6.90 -5.60
CA VAL B 22 -11.29 -8.22 -6.15
C VAL B 22 -10.78 -8.16 -7.60
N GLU B 23 -10.69 -6.95 -8.13
CA GLU B 23 -10.23 -6.76 -9.50
C GLU B 23 -9.93 -5.27 -9.73
N LYS B 24 -8.89 -4.97 -10.51
CA LYS B 24 -8.61 -3.59 -10.93
C LYS B 24 -8.20 -3.59 -12.40
N THR B 25 -8.95 -2.86 -13.23
CA THR B 25 -8.64 -2.78 -14.66
C THR B 25 -8.24 -1.36 -15.07
N VAL B 26 -7.51 -1.26 -16.17
CA VAL B 26 -7.21 0.04 -16.78
C VAL B 26 -7.54 -0.04 -18.27
N PHE B 27 -8.29 0.94 -18.78
CA PHE B 27 -8.60 0.95 -20.21
C PHE B 27 -7.37 1.43 -20.99
N HIS B 28 -7.30 1.08 -22.26
CA HIS B 28 -6.04 1.21 -23.01
C HIS B 28 -5.84 2.49 -23.82
N TYR B 29 -6.74 3.47 -23.64
CA TYR B 29 -6.55 4.76 -24.30
C TYR B 29 -5.60 5.65 -23.52
N ALA B 30 -5.21 6.78 -24.10
CA ALA B 30 -4.37 7.76 -23.42
C ALA B 30 -3.09 7.15 -22.85
N ASN B 31 -2.51 6.21 -23.58
CA ASN B 31 -1.29 5.55 -23.14
C ASN B 31 -1.45 4.71 -21.88
N GLY B 32 -2.68 4.25 -21.63
CA GLY B 32 -2.95 3.37 -20.50
C GLY B 32 -2.79 4.05 -19.15
N GLY B 33 -2.36 3.28 -18.17
CA GLY B 33 -2.27 3.77 -16.81
C GLY B 33 -2.11 2.63 -15.82
N THR B 34 -1.96 2.97 -14.56
CA THR B 34 -1.61 1.99 -13.54
C THR B 34 -2.31 2.29 -12.22
N TRP B 35 -2.71 1.24 -11.51
CA TRP B 35 -3.23 1.37 -10.16
C TRP B 35 -2.09 1.18 -9.16
N SER B 36 -2.09 1.98 -8.09
CA SER B 36 -1.13 1.79 -7.01
C SER B 36 -1.80 2.09 -5.67
N GLU B 37 -1.33 1.44 -4.62
CA GLU B 37 -1.85 1.68 -3.28
C GLU B 37 -0.82 2.46 -2.47
N ALA B 38 -1.30 3.38 -1.64
CA ALA B 38 -0.45 4.14 -0.75
C ALA B 38 -1.25 4.63 0.45
N LYS B 39 -0.79 4.31 1.65
CA LYS B 39 -1.45 4.75 2.86
C LYS B 39 -2.95 4.46 2.84
N GLY B 40 -3.32 3.25 2.40
CA GLY B 40 -4.72 2.82 2.41
C GLY B 40 -5.57 3.45 1.31
N THR B 41 -4.95 4.25 0.46
CA THR B 41 -5.66 4.87 -0.67
C THR B 41 -5.30 4.17 -1.98
N HIS B 42 -6.09 4.43 -3.01
CA HIS B 42 -5.87 3.81 -4.32
C HIS B 42 -5.79 4.86 -5.42
N THR B 43 -4.65 4.91 -6.10
CA THR B 43 -4.45 5.92 -7.14
C THR B 43 -4.38 5.31 -8.53
N LEU B 44 -5.22 5.81 -9.43
CA LEU B 44 -5.12 5.49 -10.85
C LEU B 44 -4.34 6.60 -11.54
N THR B 45 -3.17 6.25 -12.08
CA THR B 45 -2.37 7.20 -12.84
C THR B 45 -2.52 6.88 -14.33
N MET B 46 -2.88 7.89 -15.12
CA MET B 46 -3.14 7.71 -16.54
C MET B 46 -2.20 8.56 -17.39
N GLY B 47 -1.87 8.07 -18.58
CA GLY B 47 -0.91 8.74 -19.46
C GLY B 47 -1.44 10.00 -20.11
N GLY B 48 -2.70 10.35 -19.83
CA GLY B 48 -3.28 11.55 -20.40
C GLY B 48 -4.78 11.53 -20.21
N SER B 49 -5.48 12.49 -20.83
CA SER B 49 -6.94 12.52 -20.80
C SER B 49 -7.49 11.52 -21.81
N GLY B 50 -8.56 10.81 -21.44
CA GLY B 50 -9.26 9.95 -22.38
C GLY B 50 -9.31 8.48 -22.02
N THR B 51 -8.92 8.15 -20.79
CA THR B 51 -9.02 6.76 -20.37
C THR B 51 -9.61 6.64 -18.96
N SER B 52 -9.59 5.43 -18.40
CA SER B 52 -10.25 5.19 -17.13
C SER B 52 -9.78 3.86 -16.53
N GLY B 53 -10.31 3.55 -15.35
CA GLY B 53 -10.08 2.25 -14.74
C GLY B 53 -11.26 1.86 -13.87
N VAL B 54 -11.34 0.59 -13.51
CA VAL B 54 -12.45 0.11 -12.72
C VAL B 54 -11.94 -0.73 -11.55
N LEU B 55 -12.53 -0.48 -10.38
CA LEU B 55 -12.32 -1.36 -9.22
C LEU B 55 -13.60 -2.15 -9.00
N ARG B 56 -13.48 -3.47 -8.94
CA ARG B 56 -14.64 -4.28 -8.57
C ARG B 56 -14.50 -4.67 -7.11
N PHE B 57 -15.60 -4.54 -6.37
CA PHE B 57 -15.62 -4.87 -4.95
C PHE B 57 -16.56 -6.04 -4.72
N MET B 58 -16.20 -6.89 -3.75
CA MET B 58 -17.12 -7.93 -3.29
C MET B 58 -17.25 -7.85 -1.77
N SER B 59 -18.48 -7.92 -1.27
CA SER B 59 -18.69 -7.94 0.18
C SER B 59 -18.58 -9.37 0.68
N ASP B 60 -18.30 -9.54 1.96
CA ASP B 60 -18.24 -10.87 2.56
C ASP B 60 -19.63 -11.49 2.63
N LYS B 61 -20.62 -10.76 2.11
CA LYS B 61 -21.96 -11.31 1.96
C LYS B 61 -22.22 -11.70 0.50
N GLY B 62 -21.23 -11.46 -0.36
CA GLY B 62 -21.30 -11.91 -1.75
C GLY B 62 -21.73 -10.86 -2.77
N GLU B 63 -22.01 -9.64 -2.32
CA GLU B 63 -22.46 -8.61 -3.23
C GLU B 63 -21.30 -8.10 -4.09
N LEU B 64 -21.58 -7.87 -5.37
CA LEU B 64 -20.56 -7.45 -6.33
C LEU B 64 -20.94 -6.13 -6.98
N ILE B 65 -20.02 -5.17 -6.95
CA ILE B 65 -20.24 -3.85 -7.55
C ILE B 65 -18.95 -3.28 -8.14
N THR B 66 -19.08 -2.45 -9.17
CA THR B 66 -17.90 -1.81 -9.75
C THR B 66 -17.95 -0.30 -9.58
N VAL B 67 -16.78 0.29 -9.36
CA VAL B 67 -16.62 1.74 -9.38
C VAL B 67 -15.71 2.11 -10.54
N ALA B 68 -16.21 2.97 -11.43
CA ALA B 68 -15.43 3.43 -12.56
C ALA B 68 -15.06 4.89 -12.38
N VAL B 69 -13.79 5.23 -12.65
CA VAL B 69 -13.34 6.61 -12.63
C VAL B 69 -12.37 6.86 -13.77
N GLY B 70 -12.38 8.06 -14.31
CA GLY B 70 -11.48 8.39 -15.42
C GLY B 70 -11.54 9.86 -15.78
N VAL B 71 -10.91 10.21 -16.89
CA VAL B 71 -10.92 11.58 -17.38
C VAL B 71 -11.39 11.57 -18.83
N HIS B 72 -12.41 12.36 -19.12
CA HIS B 72 -12.96 12.46 -20.46
C HIS B 72 -12.93 13.92 -20.91
N ASN B 73 -12.19 14.20 -21.97
CA ASN B 73 -12.01 15.57 -22.44
C ASN B 73 -11.61 16.52 -21.32
N TYR B 74 -10.63 16.09 -20.53
CA TYR B 74 -10.00 16.93 -19.50
C TYR B 74 -10.88 17.19 -18.28
N LYS B 75 -11.96 16.44 -18.15
CA LYS B 75 -12.81 16.52 -16.96
C LYS B 75 -13.01 15.13 -16.36
N ARG B 76 -13.02 15.05 -15.03
CA ARG B 76 -13.20 13.78 -14.34
C ARG B 76 -14.59 13.20 -14.58
N TRP B 77 -14.69 11.88 -14.65
CA TRP B 77 -15.98 11.21 -14.66
C TRP B 77 -16.00 10.03 -13.69
N CYS B 78 -17.20 9.53 -13.39
CA CYS B 78 -17.35 8.37 -12.54
C CYS B 78 -18.69 7.66 -12.78
N ASP B 79 -18.77 6.41 -12.38
CA ASP B 79 -20.02 5.67 -12.45
C ASP B 79 -19.95 4.50 -11.46
N VAL B 80 -21.10 4.04 -11.02
CA VAL B 80 -21.18 2.84 -10.18
C VAL B 80 -22.18 1.87 -10.77
N VAL B 81 -21.79 0.61 -10.91
CA VAL B 81 -22.71 -0.42 -11.36
C VAL B 81 -22.88 -1.44 -10.26
N THR B 82 -24.14 -1.69 -9.88
CA THR B 82 -24.42 -2.66 -8.83
C THR B 82 -25.18 -3.87 -9.37
N GLY B 83 -25.44 -4.83 -8.50
CA GLY B 83 -26.22 -6.01 -8.85
C GLY B 83 -25.55 -6.89 -9.89
N LEU B 84 -24.22 -6.87 -9.90
CA LEU B 84 -23.47 -7.62 -10.89
C LEU B 84 -23.52 -9.12 -10.63
N LYS B 85 -23.61 -9.89 -11.70
CA LYS B 85 -23.47 -11.33 -11.63
C LYS B 85 -21.98 -11.67 -11.58
N PRO B 86 -21.64 -12.87 -11.08
CA PRO B 86 -20.24 -13.27 -10.95
C PRO B 86 -19.45 -13.19 -12.25
N GLU B 87 -20.11 -13.42 -13.38
CA GLU B 87 -19.43 -13.42 -14.68
C GLU B 87 -19.22 -12.01 -15.23
N GLU B 88 -19.89 -11.03 -14.63
CA GLU B 88 -19.74 -9.64 -15.04
C GLU B 88 -18.54 -9.01 -14.33
N THR B 89 -17.35 -9.45 -14.74
CA THR B 89 -16.12 -8.97 -14.13
C THR B 89 -15.82 -7.54 -14.58
N ALA B 90 -14.88 -6.88 -13.90
CA ALA B 90 -14.46 -5.54 -14.31
C ALA B 90 -13.90 -5.55 -15.73
N LEU B 91 -13.30 -6.67 -16.12
CA LEU B 91 -12.80 -6.84 -17.48
C LEU B 91 -13.93 -6.74 -18.50
N VAL B 92 -15.14 -7.09 -18.09
CA VAL B 92 -16.32 -6.97 -18.95
C VAL B 92 -16.88 -5.55 -18.88
N ILE B 93 -16.90 -4.99 -17.67
CA ILE B 93 -17.53 -3.68 -17.42
C ILE B 93 -16.75 -2.51 -18.00
N ASN B 94 -15.43 -2.46 -17.77
CA ASN B 94 -14.65 -1.28 -18.19
C ASN B 94 -14.83 -0.87 -19.66
N PRO B 95 -14.75 -1.84 -20.59
CA PRO B 95 -14.91 -1.54 -22.02
C PRO B 95 -16.31 -1.09 -22.41
N GLN B 96 -17.32 -1.39 -21.58
CA GLN B 96 -18.68 -0.99 -21.90
C GLN B 96 -18.86 0.52 -21.87
N TYR B 97 -17.85 1.24 -21.39
CA TYR B 97 -17.89 2.70 -21.36
C TYR B 97 -17.39 3.33 -22.65
N TYR B 98 -16.95 2.51 -23.59
CA TYR B 98 -16.39 2.98 -24.86
C TYR B 98 -17.08 2.30 -26.06
N ASN B 99 -16.78 2.77 -27.27
CA ASN B 99 -17.22 2.11 -28.52
C ASN B 99 -18.68 1.68 -28.63
N ASN B 100 -19.63 2.58 -28.45
CA ASN B 100 -21.03 2.16 -28.55
C ASN B 100 -21.43 1.19 -27.44
N GLY B 101 -20.58 1.05 -26.43
CA GLY B 101 -20.92 0.24 -25.26
C GLY B 101 -22.14 0.81 -24.56
N PRO B 102 -22.86 -0.01 -23.79
CA PRO B 102 -24.11 0.46 -23.18
C PRO B 102 -23.90 1.44 -22.03
N ARG B 103 -22.66 1.66 -21.60
CA ARG B 103 -22.39 2.61 -20.51
C ARG B 103 -21.65 3.88 -20.95
N ALA B 104 -21.41 4.04 -22.24
CA ALA B 104 -20.66 5.18 -22.75
C ALA B 104 -21.28 6.51 -22.32
N TYR B 105 -22.60 6.57 -22.30
CA TYR B 105 -23.33 7.80 -21.97
C TYR B 105 -22.92 8.34 -20.60
N THR B 106 -22.63 7.45 -19.67
CA THR B 106 -22.34 7.92 -18.33
C THR B 106 -20.90 8.52 -18.25
N ARG B 107 -19.97 8.02 -19.04
CA ARG B 107 -18.66 8.68 -19.16
C ARG B 107 -18.82 10.11 -19.69
N GLU B 108 -19.68 10.26 -20.69
CA GLU B 108 -19.87 11.56 -21.36
C GLU B 108 -20.41 12.63 -20.41
N LYS B 109 -21.03 12.21 -19.31
CA LYS B 109 -21.59 13.15 -18.34
C LYS B 109 -20.53 13.88 -17.51
N GLN B 110 -19.32 13.31 -17.43
CA GLN B 110 -18.23 13.95 -16.70
C GLN B 110 -18.67 14.34 -15.29
N LEU B 111 -19.28 13.39 -14.58
CA LEU B 111 -19.81 13.65 -13.25
C LEU B 111 -18.73 13.75 -12.17
N ALA B 112 -18.86 14.75 -11.31
CA ALA B 112 -17.97 14.93 -10.17
C ALA B 112 -18.55 14.27 -8.92
N GLU B 113 -19.74 13.72 -9.05
CA GLU B 113 -20.40 12.98 -7.97
C GLU B 113 -21.41 12.00 -8.56
N TYR B 114 -21.48 10.80 -8.01
CA TYR B 114 -22.49 9.84 -8.43
C TYR B 114 -22.98 9.00 -7.25
N ASN B 115 -24.29 8.85 -7.15
CA ASN B 115 -24.93 8.08 -6.09
C ASN B 115 -25.87 7.01 -6.65
N VAL B 116 -25.88 5.84 -6.03
CA VAL B 116 -26.83 4.81 -6.44
C VAL B 116 -27.01 3.78 -5.34
N THR B 117 -28.22 3.26 -5.20
CA THR B 117 -28.48 2.19 -4.25
C THR B 117 -28.75 0.89 -4.98
N SER B 118 -28.11 -0.19 -4.56
CA SER B 118 -28.30 -1.48 -5.21
C SER B 118 -29.65 -2.08 -4.85
N VAL B 119 -30.12 -3.00 -5.69
CA VAL B 119 -31.39 -3.69 -5.45
C VAL B 119 -31.41 -4.38 -4.09
N VAL B 120 -30.27 -4.88 -3.63
CA VAL B 120 -30.22 -5.54 -2.33
C VAL B 120 -30.00 -4.55 -1.18
N GLY B 121 -30.01 -3.27 -1.49
CA GLY B 121 -30.08 -2.22 -0.47
C GLY B 121 -28.77 -1.58 -0.01
N THR B 122 -27.71 -1.69 -0.79
CA THR B 122 -26.44 -1.04 -0.43
C THR B 122 -26.26 0.28 -1.17
N ARG B 123 -26.11 1.36 -0.40
CA ARG B 123 -25.89 2.67 -0.97
C ARG B 123 -24.42 2.79 -1.39
N PHE B 124 -24.18 3.41 -2.55
CA PHE B 124 -22.82 3.66 -3.01
C PHE B 124 -22.72 5.10 -3.52
N GLU B 125 -21.63 5.77 -3.17
CA GLU B 125 -21.39 7.11 -3.68
C GLU B 125 -19.92 7.32 -4.07
N VAL B 126 -19.71 8.01 -5.19
CA VAL B 126 -18.39 8.51 -5.55
C VAL B 126 -18.46 10.03 -5.54
N LYS B 127 -17.65 10.66 -4.71
CA LYS B 127 -17.69 12.12 -4.61
C LYS B 127 -16.28 12.70 -4.69
N TYR B 128 -16.00 13.39 -5.78
CA TYR B 128 -14.70 14.04 -5.96
C TYR B 128 -14.58 15.21 -4.98
N THR B 129 -13.45 15.26 -4.27
CA THR B 129 -13.17 16.34 -3.33
C THR B 129 -12.21 17.34 -3.96
N VAL B 130 -11.43 16.87 -4.93
CA VAL B 130 -10.67 17.75 -5.80
C VAL B 130 -11.17 17.47 -7.22
N VAL B 131 -11.82 18.47 -7.81
CA VAL B 131 -12.61 18.26 -9.02
C VAL B 131 -11.98 18.85 -10.27
N GLU B 132 -10.84 19.51 -10.10
CA GLU B 132 -10.17 20.15 -11.23
C GLU B 132 -8.68 19.85 -11.17
N GLY B 133 -7.99 20.02 -12.30
CA GLY B 133 -6.56 19.81 -12.37
C GLY B 133 -6.19 18.39 -12.74
N ASN B 134 -4.90 18.09 -12.69
CA ASN B 134 -4.38 16.78 -13.08
C ASN B 134 -4.24 15.81 -11.92
N ASN B 135 -4.41 16.32 -10.70
CA ASN B 135 -4.33 15.49 -9.50
C ASN B 135 -5.67 15.43 -8.77
N LEU B 136 -6.57 14.59 -9.28
CA LEU B 136 -7.94 14.50 -8.78
C LEU B 136 -8.05 13.61 -7.54
N GLU B 137 -9.04 13.88 -6.70
CA GLU B 137 -9.23 13.14 -5.46
C GLU B 137 -10.72 12.86 -5.28
N ALA B 138 -11.06 11.67 -4.81
CA ALA B 138 -12.46 11.31 -4.57
C ALA B 138 -12.64 10.36 -3.41
N ASN B 139 -13.78 10.48 -2.73
CA ASN B 139 -14.18 9.53 -1.70
C ASN B 139 -15.15 8.53 -2.30
N VAL B 140 -14.96 7.26 -1.97
CA VAL B 140 -15.90 6.21 -2.36
C VAL B 140 -16.57 5.71 -1.09
N ILE B 141 -17.89 5.86 -1.03
CA ILE B 141 -18.63 5.61 0.20
C ILE B 141 -19.65 4.49 0.05
N PHE B 142 -19.46 3.42 0.83
CA PHE B 142 -20.42 2.32 0.89
C PHE B 142 -21.26 2.53 2.14
N SER B 143 -22.57 2.67 1.98
CA SER B 143 -23.39 3.08 3.12
C SER B 143 -24.55 2.14 3.40
O5 A2G C . 21.34 8.37 20.69
C1 A2G C . 21.56 9.69 20.12
O1 A2G C . 22.13 10.53 21.13
C2 A2G C . 20.24 10.31 19.62
N2 A2G C . 20.48 11.68 19.17
C3 A2G C . 19.21 10.32 20.75
O3 A2G C . 17.94 10.76 20.24
C4 A2G C . 19.08 8.94 21.35
O4 A2G C . 18.56 8.04 20.35
C5 A2G C . 20.44 8.43 21.81
C6 A2G C . 20.26 7.05 22.45
O6 A2G C . 21.54 6.53 22.85
C7 A2G C . 20.46 12.00 17.87
O7 A2G C . 20.30 11.18 16.97
C8 A2G C . 20.70 13.47 17.55
C1 GAL C . 17.25 11.64 21.13
C2 GAL C . 16.13 12.32 20.33
C3 GAL C . 15.36 13.29 21.23
C4 GAL C . 14.89 12.56 22.47
C5 GAL C . 16.06 11.88 23.17
C6 GAL C . 15.58 11.11 24.40
O2 GAL C . 16.67 13.00 19.22
O3 GAL C . 14.24 13.82 20.55
O4 GAL C . 13.94 11.58 22.11
O5 GAL C . 16.70 11.00 22.26
O6 GAL C . 16.68 10.71 25.17
O5 A2G D . -13.25 10.22 -25.83
C1 A2G D . -12.49 11.46 -25.78
O1 A2G D . -12.52 12.09 -27.07
C2 A2G D . -11.02 11.23 -25.35
N2 A2G D . -10.22 12.45 -25.54
C3 A2G D . -10.38 10.09 -26.14
O3 A2G D . -9.11 9.77 -25.56
C4 A2G D . -11.28 8.87 -26.08
O4 A2G D . -11.47 8.49 -24.71
C5 A2G D . -12.64 9.23 -26.68
C6 A2G D . -13.45 7.92 -26.70
O6 A2G D . -14.84 8.24 -26.89
C7 A2G D . -9.80 13.17 -24.50
O7 A2G D . -10.06 12.90 -23.33
C8 A2G D . -8.96 14.41 -24.86
C1 GAL D . -8.19 9.78 -26.65
C2 GAL D . -6.81 9.81 -26.02
C3 GAL D . -5.74 9.45 -27.04
C4 GAL D . -6.11 8.21 -27.84
C5 GAL D . -7.56 8.23 -28.30
C6 GAL D . -7.97 6.91 -28.95
O2 GAL D . -6.55 11.09 -25.48
O3 GAL D . -4.51 9.25 -26.37
O4 GAL D . -5.87 7.05 -27.08
O5 GAL D . -8.42 8.49 -27.21
O6 GAL D . -7.10 6.61 -30.02
O4 NAG E . 21.21 -12.48 17.68
C1 NAG E . 22.13 -11.54 17.12
C2 NAG E . 22.01 -11.63 15.60
C3 NAG E . 22.80 -10.51 14.92
C4 NAG E . 22.42 -9.17 15.54
C5 NAG E . 22.64 -9.21 17.06
C6 NAG E . 22.31 -7.86 17.73
C7 NAG E . 21.75 -13.77 14.41
C8 NAG E . 22.42 -15.09 14.02
N2 NAG E . 22.50 -12.94 15.14
O3 NAG E . 22.53 -10.50 13.51
O4 NAG E . 23.21 -8.12 14.95
O5 NAG E . 21.81 -10.23 17.63
O6 NAG E . 20.93 -7.54 17.55
O7 NAG E . 20.60 -13.52 14.04
O4 NAG F . -27.41 -0.65 -14.07
C1 NAG F . -27.09 0.75 -14.11
C2 NAG F . -26.67 1.20 -12.71
C3 NAG F . -26.30 2.68 -12.76
C4 NAG F . -25.28 2.95 -13.88
C5 NAG F . -25.76 2.35 -15.21
C6 NAG F . -24.74 2.57 -16.33
C7 NAG F . -27.67 0.24 -10.65
C8 NAG F . -28.94 0.11 -9.82
N2 NAG F . -27.77 0.98 -11.76
O3 NAG F . -25.75 3.11 -11.51
O4 NAG F . -25.08 4.37 -14.03
O5 NAG F . -26.00 0.94 -15.03
O6 NAG F . -23.52 1.88 -16.03
O7 NAG F . -26.63 -0.32 -10.29
#